data_6D2O
#
_entry.id   6D2O
#
_cell.length_a   71.339
_cell.length_b   77.511
_cell.length_c   86.893
_cell.angle_alpha   90.00
_cell.angle_beta   90.00
_cell.angle_gamma   90.00
#
_symmetry.space_group_name_H-M   'I 2 2 2'
#
loop_
_entity.id
_entity.type
_entity.pdbx_description
1 polymer 'Carbonic anhydrase'
2 non-polymer 'ZINC ION'
3 non-polymer 4-METHYLIMIDAZOLE
4 water water
#
_entity_poly.entity_id   1
_entity_poly.type   'polypeptide(L)'
_entity_poly.pdbx_seq_one_letter_code
;ALQQLFENNVRWAEAIKQEDPDFFAKLARQQTPEYLWIGCSDARVPANEIVGMLPGDLFVHRNVANVVLHTDLNCLSVIQ
FAVDVLKVKHILVTGHYGCGGVRASLHNDQLGLIDGWLRSIRDLAYEYREHLEQLPTEEERVDRLCELNVIQQVANVSHT
SIVQNAWHRGQSLSVHGCIYGIKDGLWKNLNVTVSGLDQLPPQYRLSPL
;
_entity_poly.pdbx_strand_id   A
#
# COMPACT_ATOMS: atom_id res chain seq x y z
N ALA A 1 -11.63 27.91 -5.10
CA ALA A 1 -10.56 28.28 -6.03
C ALA A 1 -9.33 27.39 -5.86
N LEU A 2 -8.55 27.29 -6.93
CA LEU A 2 -7.31 26.55 -6.90
C LEU A 2 -6.13 27.48 -6.65
N GLN A 3 -6.44 28.74 -6.33
CA GLN A 3 -5.41 29.76 -6.19
C GLN A 3 -4.38 29.38 -5.12
N GLN A 4 -4.86 28.97 -3.95
CA GLN A 4 -3.96 28.70 -2.83
C GLN A 4 -3.01 27.56 -3.18
N LEU A 5 -3.49 26.59 -3.95
CA LEU A 5 -2.66 25.43 -4.32
C LEU A 5 -1.54 25.86 -5.26
N PHE A 6 -1.90 26.66 -6.27
CA PHE A 6 -0.90 27.18 -7.18
C PHE A 6 0.10 28.04 -6.39
N GLU A 7 -0.41 28.86 -5.47
CA GLU A 7 0.49 29.70 -4.69
C GLU A 7 1.36 28.87 -3.76
N ASN A 8 0.79 27.84 -3.13
CA ASN A 8 1.58 26.96 -2.27
C ASN A 8 2.71 26.35 -3.07
N ASN A 9 2.39 25.90 -4.29
CA ASN A 9 3.37 25.29 -5.18
C ASN A 9 4.53 26.21 -5.54
N VAL A 10 4.23 27.44 -5.91
CA VAL A 10 5.30 28.36 -6.30
C VAL A 10 6.20 28.66 -5.10
N ARG A 11 5.63 28.72 -3.89
CA ARG A 11 6.41 28.98 -2.67
C ARG A 11 7.28 27.78 -2.28
N TRP A 12 6.70 26.59 -2.42
CA TRP A 12 7.38 25.35 -2.10
C TRP A 12 8.57 25.12 -3.05
N ALA A 13 8.32 25.26 -4.35
CA ALA A 13 9.37 25.08 -5.36
C ALA A 13 10.53 26.06 -5.11
N GLU A 14 10.19 27.31 -4.81
CA GLU A 14 11.21 28.34 -4.57
C GLU A 14 12.00 28.08 -3.29
N ALA A 15 11.32 27.64 -2.24
CA ALA A 15 11.99 27.37 -0.97
C ALA A 15 13.06 26.29 -1.14
N ILE A 16 12.68 25.20 -1.81
CA ILE A 16 13.61 24.11 -2.10
C ILE A 16 14.80 24.56 -2.95
N LYS A 17 14.55 25.38 -3.97
CA LYS A 17 15.62 25.86 -4.84
C LYS A 17 16.60 26.77 -4.08
N GLN A 18 16.09 27.49 -3.10
CA GLN A 18 16.94 28.31 -2.22
C GLN A 18 17.91 27.44 -1.42
N GLU A 19 17.41 26.36 -0.82
CA GLU A 19 18.28 25.48 -0.04
C GLU A 19 19.19 24.62 -0.93
N ASP A 20 18.70 24.20 -2.10
CA ASP A 20 19.48 23.42 -3.05
C ASP A 20 18.94 23.67 -4.45
N PRO A 21 19.58 24.58 -5.20
CA PRO A 21 19.09 24.96 -6.53
C PRO A 21 19.10 23.82 -7.55
N ASP A 22 19.83 22.74 -7.28
CA ASP A 22 19.87 21.63 -8.25
C ASP A 22 18.90 20.53 -7.87
N PHE A 23 18.06 20.78 -6.86
CA PHE A 23 17.27 19.70 -6.28
C PHE A 23 16.40 19.02 -7.33
N PHE A 24 15.59 19.81 -8.03
CA PHE A 24 14.68 19.20 -9.00
C PHE A 24 15.44 18.72 -10.23
N ALA A 25 16.44 19.49 -10.67
CA ALA A 25 17.20 19.15 -11.87
C ALA A 25 17.84 17.77 -11.74
N LYS A 26 18.46 17.53 -10.59
CA LYS A 26 19.13 16.25 -10.34
C LYS A 26 18.09 15.12 -10.35
N LEU A 27 17.00 15.31 -9.61
CA LEU A 27 15.94 14.32 -9.51
C LEU A 27 15.39 13.92 -10.87
N ALA A 28 15.21 14.91 -11.73
CA ALA A 28 14.53 14.72 -13.00
C ALA A 28 15.31 13.78 -13.92
N ARG A 29 16.61 13.61 -13.63
CA ARG A 29 17.47 12.77 -14.46
C ARG A 29 17.20 11.27 -14.31
N GLN A 30 17.06 10.80 -13.09
CA GLN A 30 16.84 9.37 -12.85
C GLN A 30 15.90 9.12 -11.67
N GLN A 31 14.91 8.27 -11.90
CA GLN A 31 14.00 7.85 -10.84
C GLN A 31 14.57 6.62 -10.11
N THR A 32 14.93 6.77 -8.84
CA THR A 32 15.55 5.66 -8.12
C THR A 32 15.01 5.39 -6.72
N PRO A 33 13.68 5.26 -6.55
CA PRO A 33 13.16 4.98 -5.21
C PRO A 33 13.52 3.58 -4.73
N GLU A 34 13.78 3.43 -3.43
CA GLU A 34 14.04 2.11 -2.89
C GLU A 34 12.75 1.45 -2.44
N TYR A 35 11.66 2.22 -2.40
CA TYR A 35 10.40 1.73 -1.84
C TYR A 35 9.20 1.96 -2.73
N LEU A 36 8.30 0.97 -2.78
CA LEU A 36 6.96 1.19 -3.27
C LEU A 36 5.97 1.16 -2.11
N TRP A 37 5.15 2.21 -2.02
CA TRP A 37 4.07 2.30 -1.04
C TRP A 37 2.73 1.92 -1.66
N ILE A 38 2.06 0.95 -1.05
CA ILE A 38 0.70 0.61 -1.45
C ILE A 38 -0.19 0.93 -0.27
N GLY A 39 -1.02 1.96 -0.43
CA GLY A 39 -1.83 2.42 0.67
C GLY A 39 -3.22 2.84 0.24
N CYS A 40 -4.00 3.30 1.21
CA CYS A 40 -5.33 3.80 0.95
C CYS A 40 -5.29 5.24 0.43
N SER A 41 -6.28 5.58 -0.40
CA SER A 41 -6.49 6.92 -0.93
C SER A 41 -6.84 7.98 0.14
N ASP A 42 -7.31 7.49 1.30
CA ASP A 42 -7.74 8.31 2.43
C ASP A 42 -6.80 9.51 2.63
N ALA A 43 -7.38 10.72 2.69
CA ALA A 43 -6.60 11.96 2.72
C ALA A 43 -5.74 12.08 3.96
N ARG A 44 -6.05 11.28 4.97
CA ARG A 44 -5.35 11.33 6.24
C ARG A 44 -4.12 10.45 6.26
N VAL A 45 -3.85 9.76 5.15
CA VAL A 45 -2.70 8.86 5.10
C VAL A 45 -1.73 9.18 3.94
N PRO A 46 -1.13 10.39 3.97
CA PRO A 46 -0.17 10.74 2.92
C PRO A 46 1.16 10.02 3.14
N ALA A 47 1.59 9.26 2.15
CA ALA A 47 2.71 8.34 2.27
C ALA A 47 3.99 9.03 2.69
N ASN A 48 4.44 9.99 1.89
CA ASN A 48 5.72 10.61 2.12
C ASN A 48 5.86 11.22 3.51
N GLU A 49 4.89 12.03 3.91
CA GLU A 49 4.95 12.68 5.22
C GLU A 49 5.07 11.67 6.36
N ILE A 50 4.28 10.60 6.29
CA ILE A 50 4.18 9.65 7.39
C ILE A 50 5.51 8.99 7.69
N VAL A 51 6.34 8.78 6.67
CA VAL A 51 7.62 8.14 6.93
C VAL A 51 8.79 9.08 6.64
N GLY A 52 8.50 10.37 6.55
CA GLY A 52 9.52 11.38 6.34
C GLY A 52 10.39 11.18 5.12
N MET A 53 9.77 10.77 4.01
CA MET A 53 10.50 10.65 2.74
C MET A 53 10.38 11.92 1.92
N LEU A 54 11.31 12.08 0.98
CA LEU A 54 11.37 13.25 0.12
C LEU A 54 10.92 12.86 -1.29
N PRO A 55 10.59 13.85 -2.13
CA PRO A 55 10.39 13.55 -3.55
C PRO A 55 11.55 12.71 -4.07
N GLY A 56 11.25 11.61 -4.73
CA GLY A 56 12.29 10.75 -5.26
C GLY A 56 12.45 9.46 -4.48
N ASP A 57 11.99 9.45 -3.23
CA ASP A 57 12.21 8.30 -2.35
C ASP A 57 11.18 7.17 -2.49
N LEU A 58 9.94 7.54 -2.81
CA LEU A 58 8.79 6.66 -2.64
C LEU A 58 7.88 6.57 -3.87
N PHE A 59 7.90 5.42 -4.52
CA PHE A 59 6.97 5.09 -5.62
C PHE A 59 5.65 4.80 -4.93
N VAL A 60 4.55 5.36 -5.41
CA VAL A 60 3.29 5.29 -4.68
C VAL A 60 2.09 4.77 -5.49
N HIS A 61 1.38 3.80 -4.94
CA HIS A 61 0.01 3.48 -5.37
C HIS A 61 -0.94 3.66 -4.20
N ARG A 62 -2.02 4.39 -4.43
CA ARG A 62 -3.07 4.50 -3.42
C ARG A 62 -4.43 4.21 -4.06
N ASN A 63 -5.21 3.35 -3.41
CA ASN A 63 -6.56 3.07 -3.87
C ASN A 63 -7.49 2.92 -2.66
N VAL A 64 -8.76 2.69 -2.92
CA VAL A 64 -9.68 2.50 -1.82
C VAL A 64 -9.36 1.24 -1.02
N ALA A 65 -8.94 1.43 0.22
CA ALA A 65 -8.67 0.36 1.19
C ALA A 65 -7.49 -0.52 0.79
N ASN A 66 -6.59 0.04 -0.02
CA ASN A 66 -5.30 -0.59 -0.34
C ASN A 66 -5.44 -2.06 -0.71
N VAL A 67 -6.25 -2.28 -1.71
CA VAL A 67 -6.61 -3.61 -2.18
C VAL A 67 -5.75 -4.00 -3.38
N VAL A 68 -5.24 -5.23 -3.36
CA VAL A 68 -4.39 -5.76 -4.43
C VAL A 68 -5.05 -7.00 -5.00
N LEU A 69 -5.45 -6.90 -6.27
CA LEU A 69 -6.15 -8.00 -6.93
C LEU A 69 -5.34 -8.51 -8.10
N HIS A 70 -5.32 -9.83 -8.29
CA HIS A 70 -4.47 -10.40 -9.29
C HIS A 70 -4.99 -10.22 -10.72
N THR A 71 -6.15 -9.60 -10.89
CA THR A 71 -6.61 -9.27 -12.22
C THR A 71 -6.68 -7.77 -12.46
N ASP A 72 -6.17 -7.00 -11.50
CA ASP A 72 -6.21 -5.55 -11.65
C ASP A 72 -4.92 -5.00 -12.22
N LEU A 73 -4.89 -4.68 -13.53
CA LEU A 73 -3.67 -4.16 -14.14
C LEU A 73 -3.29 -2.76 -13.67
N ASN A 74 -4.21 -2.03 -13.02
CA ASN A 74 -3.86 -0.76 -12.39
C ASN A 74 -2.78 -0.96 -11.29
N CYS A 75 -3.16 -1.59 -10.19
CA CYS A 75 -2.21 -1.87 -9.14
C CYS A 75 -1.05 -2.75 -9.63
N LEU A 76 -1.36 -3.79 -10.41
CA LEU A 76 -0.29 -4.68 -10.84
C LEU A 76 0.74 -3.97 -11.71
N SER A 77 0.34 -2.95 -12.49
CA SER A 77 1.31 -2.30 -13.36
C SER A 77 2.24 -1.42 -12.54
N VAL A 78 1.72 -0.85 -11.46
CA VAL A 78 2.54 -0.11 -10.51
C VAL A 78 3.56 -1.07 -9.88
N ILE A 79 3.10 -2.22 -9.43
CA ILE A 79 4.01 -3.21 -8.84
C ILE A 79 5.06 -3.62 -9.87
N GLN A 80 4.63 -3.87 -11.10
CA GLN A 80 5.57 -4.38 -12.09
C GLN A 80 6.57 -3.31 -12.49
N PHE A 81 6.10 -2.06 -12.60
CA PHE A 81 7.03 -0.97 -12.91
C PHE A 81 8.03 -0.86 -11.77
N ALA A 82 7.52 -0.86 -10.53
CA ALA A 82 8.37 -0.76 -9.34
C ALA A 82 9.41 -1.88 -9.28
N VAL A 83 8.95 -3.12 -9.47
CA VAL A 83 9.81 -4.29 -9.28
C VAL A 83 10.74 -4.54 -10.48
N ASP A 84 10.20 -4.45 -11.68
CA ASP A 84 10.98 -4.79 -12.89
C ASP A 84 11.82 -3.63 -13.43
N VAL A 85 11.26 -2.44 -13.46
CA VAL A 85 11.95 -1.29 -14.05
C VAL A 85 12.76 -0.51 -13.00
N LEU A 86 12.13 -0.13 -11.90
CA LEU A 86 12.83 0.67 -10.88
C LEU A 86 13.67 -0.19 -9.94
N LYS A 87 13.30 -1.46 -9.83
CA LYS A 87 13.95 -2.41 -8.92
C LYS A 87 13.97 -1.90 -7.48
N VAL A 88 12.80 -1.51 -6.99
CA VAL A 88 12.64 -1.20 -5.58
C VAL A 88 12.99 -2.42 -4.75
N LYS A 89 13.50 -2.19 -3.54
CA LYS A 89 13.91 -3.25 -2.63
C LYS A 89 12.78 -3.62 -1.70
N HIS A 90 11.82 -2.73 -1.55
CA HIS A 90 10.74 -2.92 -0.58
C HIS A 90 9.40 -2.46 -1.08
N ILE A 91 8.39 -3.29 -0.80
CA ILE A 91 7.02 -2.91 -1.03
C ILE A 91 6.39 -2.74 0.35
N LEU A 92 5.97 -1.51 0.62
CA LEU A 92 5.33 -1.20 1.88
C LEU A 92 3.80 -1.21 1.76
N VAL A 93 3.18 -2.35 2.09
CA VAL A 93 1.72 -2.42 2.15
C VAL A 93 1.25 -1.80 3.46
N THR A 94 0.65 -0.62 3.36
CA THR A 94 0.19 0.09 4.53
C THR A 94 -1.33 0.33 4.50
N GLY A 95 -2.03 -0.32 5.41
CA GLY A 95 -3.46 -0.05 5.58
C GLY A 95 -3.53 0.94 6.72
N HIS A 96 -4.72 1.28 7.16
CA HIS A 96 -4.80 2.15 8.33
C HIS A 96 -6.03 1.85 9.16
N TYR A 97 -5.99 2.22 10.44
CA TYR A 97 -7.15 2.05 11.30
C TYR A 97 -8.23 3.03 10.87
N GLY A 98 -9.48 2.68 11.15
CA GLY A 98 -10.62 3.53 10.81
C GLY A 98 -10.85 3.66 9.32
N CYS A 99 -10.37 2.70 8.52
CA CYS A 99 -10.54 2.76 7.08
C CYS A 99 -12.01 2.64 6.71
N GLY A 100 -12.51 3.59 5.92
CA GLY A 100 -13.90 3.60 5.52
C GLY A 100 -14.25 2.51 4.52
N GLY A 101 -13.27 2.12 3.70
CA GLY A 101 -13.46 1.03 2.76
C GLY A 101 -13.65 -0.27 3.53
N VAL A 102 -12.79 -0.48 4.53
CA VAL A 102 -12.91 -1.65 5.37
C VAL A 102 -14.23 -1.58 6.12
N ARG A 103 -14.56 -0.40 6.62
CA ARG A 103 -15.82 -0.20 7.35
C ARG A 103 -17.03 -0.55 6.48
N ALA A 104 -17.04 -0.03 5.26
CA ALA A 104 -18.13 -0.27 4.32
C ALA A 104 -18.33 -1.76 4.08
N SER A 105 -17.22 -2.50 4.05
CA SER A 105 -17.26 -3.94 3.82
C SER A 105 -17.85 -4.70 5.00
N LEU A 106 -17.94 -4.05 6.14
CA LEU A 106 -18.51 -4.68 7.32
C LEU A 106 -20.01 -4.43 7.42
N HIS A 107 -20.49 -3.42 6.69
CA HIS A 107 -21.90 -3.06 6.73
C HIS A 107 -22.57 -3.47 5.43
N ASN A 108 -23.86 -3.19 5.29
CA ASN A 108 -24.62 -3.74 4.18
C ASN A 108 -25.22 -2.71 3.25
N ASP A 109 -24.74 -1.47 3.33
CA ASP A 109 -25.15 -0.42 2.40
C ASP A 109 -24.44 -0.56 1.05
N GLN A 110 -25.15 -0.26 -0.03
CA GLN A 110 -24.56 -0.25 -1.35
C GLN A 110 -23.99 1.12 -1.64
N LEU A 111 -22.74 1.13 -2.09
CA LEU A 111 -22.05 2.37 -2.42
C LEU A 111 -21.76 2.45 -3.92
N GLY A 112 -22.31 1.51 -4.69
CA GLY A 112 -22.14 1.50 -6.14
C GLY A 112 -20.98 0.66 -6.64
N LEU A 113 -20.21 1.21 -7.59
CA LEU A 113 -18.99 0.57 -8.08
C LEU A 113 -18.11 0.04 -6.98
N ILE A 114 -17.99 0.81 -5.90
CA ILE A 114 -17.10 0.47 -4.80
C ILE A 114 -17.47 -0.87 -4.18
N ASP A 115 -18.74 -1.25 -4.29
CA ASP A 115 -19.21 -2.48 -3.68
C ASP A 115 -18.41 -3.69 -4.19
N GLY A 116 -18.15 -3.70 -5.50
CA GLY A 116 -17.41 -4.79 -6.11
C GLY A 116 -15.94 -4.73 -5.80
N TRP A 117 -15.39 -3.52 -5.77
CA TRP A 117 -14.01 -3.30 -5.39
C TRP A 117 -13.70 -3.89 -4.02
N LEU A 118 -14.64 -3.75 -3.09
CA LEU A 118 -14.40 -4.11 -1.69
C LEU A 118 -14.73 -5.56 -1.39
N ARG A 119 -15.25 -6.27 -2.37
CA ARG A 119 -15.58 -7.71 -2.27
C ARG A 119 -14.59 -8.52 -1.45
N SER A 120 -13.30 -8.42 -1.78
CA SER A 120 -12.30 -9.26 -1.16
C SER A 120 -12.18 -8.98 0.34
N ILE A 121 -12.51 -7.75 0.75
CA ILE A 121 -12.48 -7.42 2.18
C ILE A 121 -13.70 -8.04 2.84
N ARG A 122 -14.81 -8.01 2.10
CA ARG A 122 -16.05 -8.60 2.57
C ARG A 122 -15.84 -10.10 2.74
N ASP A 123 -15.08 -10.72 1.82
CA ASP A 123 -14.69 -12.13 1.96
C ASP A 123 -13.88 -12.38 3.23
N LEU A 124 -13.04 -11.41 3.59
CA LEU A 124 -12.19 -11.52 4.77
C LEU A 124 -13.03 -11.45 6.04
N ALA A 125 -14.04 -10.59 6.01
CA ALA A 125 -14.95 -10.41 7.13
C ALA A 125 -15.77 -11.67 7.37
N TYR A 126 -16.00 -12.43 6.30
CA TYR A 126 -16.80 -13.65 6.41
C TYR A 126 -15.97 -14.84 6.89
N GLU A 127 -14.76 -15.01 6.36
CA GLU A 127 -13.88 -16.08 6.84
C GLU A 127 -13.47 -15.91 8.31
N TYR A 128 -13.49 -14.67 8.81
CA TYR A 128 -13.14 -14.40 10.19
C TYR A 128 -14.37 -13.96 10.97
N ARG A 129 -15.55 -14.42 10.54
CA ARG A 129 -16.78 -14.01 11.20
C ARG A 129 -16.77 -14.42 12.67
N GLU A 130 -16.18 -15.58 12.96
CA GLU A 130 -16.09 -16.08 14.34
C GLU A 130 -15.24 -15.15 15.21
N HIS A 131 -14.04 -14.85 14.73
CA HIS A 131 -13.13 -13.94 15.42
C HIS A 131 -13.73 -12.55 15.60
N LEU A 132 -14.27 -12.00 14.52
CA LEU A 132 -14.82 -10.64 14.53
C LEU A 132 -16.04 -10.52 15.43
N GLU A 133 -16.83 -11.60 15.49
CA GLU A 133 -18.04 -11.61 16.31
C GLU A 133 -17.70 -11.49 17.79
N GLN A 134 -16.53 -12.00 18.18
CA GLN A 134 -16.14 -11.98 19.59
C GLN A 134 -15.49 -10.67 20.03
N LEU A 135 -15.52 -9.66 19.16
CA LEU A 135 -15.09 -8.32 19.54
C LEU A 135 -16.34 -7.45 19.77
N PRO A 136 -16.36 -6.73 20.89
CA PRO A 136 -17.53 -5.97 21.34
C PRO A 136 -17.94 -4.82 20.41
N THR A 137 -17.11 -3.79 20.28
CA THR A 137 -17.49 -2.57 19.56
C THR A 137 -17.19 -2.68 18.07
N GLU A 138 -18.03 -2.05 17.24
CA GLU A 138 -17.81 -1.97 15.80
C GLU A 138 -16.42 -1.43 15.45
N GLU A 139 -15.98 -0.42 16.20
CA GLU A 139 -14.64 0.14 16.04
C GLU A 139 -13.56 -0.95 16.12
N GLU A 140 -13.71 -1.86 17.08
CA GLU A 140 -12.77 -2.96 17.22
C GLU A 140 -12.82 -3.91 16.02
N ARG A 141 -14.03 -4.23 15.57
CA ARG A 141 -14.19 -5.12 14.44
C ARG A 141 -13.56 -4.49 13.22
N VAL A 142 -13.83 -3.21 13.00
CA VAL A 142 -13.28 -2.49 11.86
C VAL A 142 -11.77 -2.53 11.91
N ASP A 143 -11.20 -2.12 13.04
CA ASP A 143 -9.75 -1.99 13.16
C ASP A 143 -9.04 -3.33 13.00
N ARG A 144 -9.64 -4.41 13.52
CA ARG A 144 -9.05 -5.74 13.34
C ARG A 144 -9.12 -6.13 11.86
N LEU A 145 -10.25 -5.85 11.23
CA LEU A 145 -10.40 -6.13 9.79
C LEU A 145 -9.38 -5.33 8.97
N CYS A 146 -9.09 -4.10 9.40
CA CYS A 146 -8.05 -3.31 8.75
C CYS A 146 -6.72 -4.05 8.79
N GLU A 147 -6.42 -4.67 9.92
CA GLU A 147 -5.16 -5.41 10.08
C GLU A 147 -5.14 -6.68 9.25
N LEU A 148 -6.24 -7.44 9.35
CA LEU A 148 -6.44 -8.63 8.53
C LEU A 148 -6.32 -8.32 7.06
N ASN A 149 -6.93 -7.21 6.63
CA ASN A 149 -6.80 -6.80 5.24
C ASN A 149 -5.35 -6.63 4.83
N VAL A 150 -4.58 -5.85 5.60
CA VAL A 150 -3.16 -5.64 5.30
C VAL A 150 -2.40 -6.98 5.17
N ILE A 151 -2.64 -7.89 6.11
CA ILE A 151 -1.92 -9.15 6.11
C ILE A 151 -2.29 -9.92 4.83
N GLN A 152 -3.54 -9.83 4.42
CA GLN A 152 -3.99 -10.49 3.21
C GLN A 152 -3.35 -9.88 1.98
N GLN A 153 -3.27 -8.55 1.96
CA GLN A 153 -2.73 -7.87 0.79
C GLN A 153 -1.24 -8.11 0.67
N VAL A 154 -0.53 -8.24 1.80
CA VAL A 154 0.88 -8.64 1.75
C VAL A 154 0.99 -10.00 1.04
N ALA A 155 0.17 -10.96 1.45
CA ALA A 155 0.11 -12.25 0.76
C ALA A 155 -0.12 -12.07 -0.74
N ASN A 156 -1.12 -11.25 -1.10
CA ASN A 156 -1.48 -11.07 -2.52
C ASN A 156 -0.32 -10.53 -3.37
N VAL A 157 0.38 -9.53 -2.86
CA VAL A 157 1.54 -9.00 -3.55
C VAL A 157 2.62 -10.07 -3.71
N SER A 158 2.92 -10.78 -2.62
CA SER A 158 4.00 -11.76 -2.64
C SER A 158 3.67 -12.96 -3.54
N HIS A 159 2.38 -13.19 -3.80
CA HIS A 159 1.99 -14.30 -4.67
C HIS A 159 2.03 -13.97 -6.14
N THR A 160 2.13 -12.69 -6.47
CA THR A 160 2.20 -12.30 -7.89
C THR A 160 3.41 -12.93 -8.55
N SER A 161 3.27 -13.28 -9.84
CA SER A 161 4.43 -13.70 -10.63
C SER A 161 5.45 -12.56 -10.78
N ILE A 162 4.98 -11.32 -10.72
CA ILE A 162 5.89 -10.18 -10.72
C ILE A 162 6.92 -10.36 -9.62
N VAL A 163 6.45 -10.54 -8.38
CA VAL A 163 7.35 -10.64 -7.25
C VAL A 163 8.13 -11.97 -7.25
N GLN A 164 7.46 -13.08 -7.56
CA GLN A 164 8.18 -14.38 -7.58
C GLN A 164 9.31 -14.40 -8.61
N ASN A 165 9.07 -13.82 -9.78
CA ASN A 165 10.10 -13.82 -10.82
C ASN A 165 11.27 -12.91 -10.49
N ALA A 166 11.03 -11.87 -9.68
CA ALA A 166 12.10 -11.04 -9.14
C ALA A 166 13.01 -11.90 -8.27
N TRP A 167 12.40 -12.68 -7.39
CA TRP A 167 13.12 -13.62 -6.55
C TRP A 167 13.86 -14.68 -7.38
N HIS A 168 13.20 -15.24 -8.40
CA HIS A 168 13.83 -16.26 -9.24
C HIS A 168 15.15 -15.75 -9.81
N ARG A 169 15.15 -14.50 -10.27
CA ARG A 169 16.38 -13.95 -10.85
C ARG A 169 17.28 -13.28 -9.80
N GLY A 170 17.10 -13.62 -8.53
CA GLY A 170 18.03 -13.21 -7.49
C GLY A 170 17.96 -11.76 -7.08
N GLN A 171 16.84 -11.12 -7.40
CA GLN A 171 16.62 -9.74 -7.02
C GLN A 171 16.19 -9.72 -5.59
N SER A 172 16.75 -8.80 -4.80
CA SER A 172 16.36 -8.65 -3.40
C SER A 172 15.08 -7.82 -3.30
N LEU A 173 14.07 -8.35 -2.64
CA LEU A 173 12.74 -7.72 -2.61
C LEU A 173 11.97 -8.19 -1.37
N SER A 174 11.61 -7.26 -0.48
CA SER A 174 10.79 -7.60 0.67
C SER A 174 9.42 -6.90 0.60
N VAL A 175 8.37 -7.63 0.98
CA VAL A 175 7.00 -7.10 1.06
C VAL A 175 6.61 -6.99 2.52
N HIS A 176 6.32 -5.78 2.98
CA HIS A 176 6.05 -5.56 4.39
C HIS A 176 4.58 -5.21 4.60
N GLY A 177 4.06 -5.54 5.77
CA GLY A 177 2.73 -5.13 6.18
C GLY A 177 2.81 -4.18 7.35
N CYS A 178 2.25 -2.98 7.16
CA CYS A 178 2.22 -1.99 8.23
C CYS A 178 0.83 -1.42 8.35
N ILE A 179 0.55 -0.82 9.51
CA ILE A 179 -0.74 -0.18 9.69
C ILE A 179 -0.55 1.18 10.38
N TYR A 180 -1.19 2.19 9.79
CA TYR A 180 -1.10 3.56 10.26
C TYR A 180 -2.29 3.88 11.15
N GLY A 181 -2.04 4.57 12.26
CA GLY A 181 -3.14 5.01 13.11
C GLY A 181 -3.50 6.45 12.74
N ILE A 182 -4.69 6.67 12.21
CA ILE A 182 -5.08 8.06 11.92
C ILE A 182 -5.31 8.83 13.23
N LYS A 183 -5.49 8.10 14.34
CA LYS A 183 -5.69 8.72 15.65
C LYS A 183 -4.40 9.19 16.31
N ASP A 184 -3.27 8.64 15.90
CA ASP A 184 -2.03 8.98 16.60
C ASP A 184 -0.79 9.22 15.72
N GLY A 185 -0.93 9.08 14.41
CA GLY A 185 0.17 9.41 13.52
C GLY A 185 1.22 8.33 13.47
N LEU A 186 0.96 7.20 14.11
CA LEU A 186 1.98 6.17 14.22
C LEU A 186 1.83 5.09 13.13
N TRP A 187 2.94 4.85 12.43
CA TRP A 187 3.06 3.85 11.42
C TRP A 187 3.67 2.59 12.03
N LYS A 188 2.87 1.54 12.16
CA LYS A 188 3.30 0.36 12.91
C LYS A 188 3.51 -0.87 12.03
N ASN A 189 4.55 -1.63 12.36
CA ASN A 189 4.86 -2.89 11.67
C ASN A 189 3.95 -4.03 12.14
N LEU A 190 3.31 -4.74 11.19
CA LEU A 190 2.51 -5.90 11.56
C LEU A 190 3.36 -7.16 11.54
N ASN A 191 4.65 -6.97 11.24
CA ASN A 191 5.64 -8.06 11.22
C ASN A 191 5.21 -9.28 10.43
N VAL A 192 4.83 -9.06 9.18
CA VAL A 192 4.45 -10.15 8.29
C VAL A 192 5.28 -10.14 7.00
N THR A 193 6.53 -9.72 7.14
CA THR A 193 7.39 -9.49 5.99
C THR A 193 7.69 -10.77 5.24
N VAL A 194 7.54 -10.74 3.93
CA VAL A 194 7.88 -11.86 3.08
C VAL A 194 9.01 -11.43 2.17
N SER A 195 10.09 -12.21 2.13
CA SER A 195 11.23 -11.79 1.32
C SER A 195 11.80 -12.88 0.42
N GLY A 196 11.10 -14.00 0.32
CA GLY A 196 11.55 -15.06 -0.54
C GLY A 196 10.54 -16.16 -0.79
N LEU A 197 10.80 -16.96 -1.82
CA LEU A 197 9.87 -18.02 -2.26
C LEU A 197 9.59 -19.08 -1.21
N ASP A 198 10.57 -19.34 -0.34
CA ASP A 198 10.45 -20.37 0.68
C ASP A 198 9.36 -20.05 1.70
N GLN A 199 8.93 -18.79 1.74
CA GLN A 199 7.88 -18.40 2.69
C GLN A 199 6.47 -18.55 2.11
N LEU A 200 6.36 -18.90 0.83
CA LEU A 200 5.04 -19.08 0.22
C LEU A 200 4.54 -20.50 0.36
N PRO A 201 3.23 -20.67 0.63
CA PRO A 201 2.62 -22.00 0.54
C PRO A 201 2.90 -22.61 -0.83
N PRO A 202 3.06 -23.94 -0.91
CA PRO A 202 3.35 -24.64 -2.18
C PRO A 202 2.32 -24.36 -3.27
N GLN A 203 1.07 -24.12 -2.86
CA GLN A 203 -0.03 -23.94 -3.80
C GLN A 203 0.04 -22.62 -4.56
N TYR A 204 0.84 -21.66 -4.06
CA TYR A 204 0.97 -20.36 -4.70
C TYR A 204 2.29 -20.18 -5.43
N ARG A 205 3.21 -21.11 -5.22
CA ARG A 205 4.53 -21.00 -5.83
C ARG A 205 4.47 -21.28 -7.32
N LEU A 206 5.09 -20.41 -8.09
CA LEU A 206 5.18 -20.59 -9.53
C LEU A 206 6.62 -20.90 -9.86
N SER A 207 6.80 -21.81 -10.80
CA SER A 207 8.13 -22.17 -11.27
C SER A 207 8.71 -21.03 -12.10
N PRO A 208 10.04 -20.95 -12.15
CA PRO A 208 10.63 -19.93 -13.02
C PRO A 208 10.25 -20.17 -14.48
N LEU A 209 10.31 -19.11 -15.28
CA LEU A 209 9.87 -19.16 -16.67
C LEU A 209 10.61 -20.23 -17.48
#